data_5LUT
#
_entry.id   5LUT
#
_cell.length_a   76.686
_cell.length_b   230.804
_cell.length_c   50.916
_cell.angle_alpha   90.00
_cell.angle_beta   90.00
_cell.angle_gamma   90.00
#
_symmetry.space_group_name_H-M   'P 21 21 2'
#
loop_
_entity.id
_entity.type
_entity.pdbx_description
1 polymer 'BLM helicase'
2 non-polymer 'PHOSPHATE ION'
3 water water
#
_entity_poly.entity_id   1
_entity_poly.type   'polypeptide(L)'
_entity_poly.pdbx_seq_one_letter_code
;KQPAAEQDSSAEHADKGLHLEQQLYSV(MSE)EDICKLVDAIPLHELTSISCAKELLQQRELRRKLLADSVD
;
_entity_poly.pdbx_strand_id   A,B,C,D,E,F,G,H,I,J,K
#
# COMPACT_ATOMS: atom_id res chain seq x y z
N GLY A 17 23.02 6.06 8.33
CA GLY A 17 22.99 4.62 8.53
C GLY A 17 21.60 4.03 8.52
N LEU A 18 20.64 4.76 9.08
CA LEU A 18 19.23 4.37 9.08
C LEU A 18 18.63 4.35 7.68
N HIS A 19 19.24 5.07 6.72
CA HIS A 19 18.79 5.01 5.33
C HIS A 19 18.70 3.58 4.83
N LEU A 20 19.55 2.69 5.34
CA LEU A 20 19.50 1.29 4.93
C LEU A 20 18.31 0.57 5.53
N GLU A 21 17.89 0.97 6.74
CA GLU A 21 16.68 0.37 7.32
C GLU A 21 15.42 0.77 6.57
N GLN A 22 15.42 1.93 5.92
CA GLN A 22 14.20 2.35 5.25
C GLN A 22 14.05 1.67 3.89
N GLN A 23 15.16 1.33 3.23
CA GLN A 23 15.02 0.59 1.98
C GLN A 23 14.85 -0.90 2.22
N LEU A 24 15.22 -1.37 3.41
CA LEU A 24 14.88 -2.72 3.80
C LEU A 24 13.38 -2.85 3.94
N TYR A 25 12.75 -1.87 4.58
CA TYR A 25 11.30 -1.87 4.71
C TYR A 25 10.64 -1.91 3.33
N SER A 26 11.21 -1.17 2.36
CA SER A 26 10.61 -1.09 1.04
C SER A 26 10.56 -2.46 0.36
N VAL A 27 11.65 -3.22 0.44
CA VAL A 27 11.65 -4.56 -0.13
C VAL A 27 10.70 -5.48 0.64
N GLU A 29 7.94 -4.51 2.10
CA GLU A 29 6.60 -4.17 1.67
C GLU A 29 6.33 -4.62 0.24
N ASP A 30 7.36 -4.57 -0.61
CA ASP A 30 7.19 -5.00 -2.00
C ASP A 30 6.86 -6.48 -2.06
N ILE A 31 7.59 -7.29 -1.29
CA ILE A 31 7.34 -8.72 -1.27
C ILE A 31 5.93 -8.99 -0.75
N CYS A 32 5.50 -8.25 0.27
CA CYS A 32 4.14 -8.39 0.78
C CYS A 32 3.13 -8.07 -0.31
N LYS A 33 3.35 -6.97 -1.05
CA LYS A 33 2.48 -6.66 -2.18
C LYS A 33 2.49 -7.76 -3.23
N LEU A 34 3.66 -8.36 -3.50
CA LEU A 34 3.72 -9.46 -4.47
C LEU A 34 2.96 -10.69 -3.98
N VAL A 35 3.16 -11.08 -2.70
CA VAL A 35 2.45 -12.23 -2.14
C VAL A 35 0.95 -11.99 -2.13
N ASP A 36 0.55 -10.74 -1.85
CA ASP A 36 -0.85 -10.43 -1.65
C ASP A 36 -1.65 -10.57 -2.94
N ALA A 37 -1.00 -10.55 -4.11
CA ALA A 37 -1.68 -10.66 -5.38
C ALA A 37 -1.64 -12.06 -5.98
N ILE A 38 -0.98 -13.01 -5.33
CA ILE A 38 -0.96 -14.38 -5.82
C ILE A 38 -2.36 -14.98 -5.68
N PRO A 39 -2.97 -15.42 -6.77
CA PRO A 39 -4.28 -16.07 -6.70
C PRO A 39 -4.17 -17.47 -6.08
N LEU A 40 -5.31 -17.93 -5.57
CA LEU A 40 -5.34 -19.16 -4.79
C LEU A 40 -4.93 -20.37 -5.61
N HIS A 41 -5.38 -20.44 -6.86
CA HIS A 41 -5.03 -21.61 -7.65
C HIS A 41 -3.54 -21.72 -7.90
N GLU A 42 -2.80 -20.60 -7.87
CA GLU A 42 -1.35 -20.66 -8.01
C GLU A 42 -0.65 -21.15 -6.75
N LEU A 43 -1.30 -21.02 -5.60
CA LEU A 43 -0.70 -21.47 -4.35
C LEU A 43 -0.71 -22.98 -4.18
N THR A 44 -1.48 -23.71 -4.99
CA THR A 44 -1.67 -25.13 -4.72
C THR A 44 -0.36 -25.90 -4.80
N SER A 45 0.59 -25.43 -5.59
CA SER A 45 1.89 -26.07 -5.74
C SER A 45 2.91 -25.57 -4.73
N ILE A 46 2.51 -24.77 -3.75
CA ILE A 46 3.42 -24.14 -2.79
C ILE A 46 3.27 -24.82 -1.43
N SER A 47 4.38 -25.23 -0.84
CA SER A 47 4.28 -26.07 0.36
C SER A 47 3.72 -25.29 1.53
N CYS A 48 4.21 -24.06 1.73
CA CYS A 48 3.82 -23.23 2.86
C CYS A 48 2.59 -22.39 2.54
N ALA A 49 1.77 -22.81 1.58
CA ALA A 49 0.66 -22.00 1.13
C ALA A 49 -0.29 -21.66 2.27
N LYS A 50 -0.32 -22.47 3.31
CA LYS A 50 -1.37 -22.23 4.28
C LYS A 50 -0.91 -21.23 5.32
N GLU A 51 0.40 -21.12 5.54
CA GLU A 51 0.94 -20.15 6.46
C GLU A 51 1.07 -18.80 5.77
N LEU A 52 1.41 -18.86 4.50
CA LEU A 52 1.47 -17.67 3.67
C LEU A 52 0.07 -17.05 3.52
N LEU A 53 -0.97 -17.87 3.40
CA LEU A 53 -2.32 -17.30 3.36
C LEU A 53 -2.69 -16.70 4.70
N GLN A 54 -2.41 -17.43 5.78
CA GLN A 54 -2.70 -16.92 7.12
C GLN A 54 -2.03 -15.58 7.36
N GLN A 55 -0.73 -15.49 7.03
CA GLN A 55 0.04 -14.29 7.35
C GLN A 55 -0.36 -13.12 6.45
N ARG A 56 -0.65 -13.39 5.18
CA ARG A 56 -1.06 -12.28 4.31
C ARG A 56 -2.43 -11.73 4.71
N GLU A 57 -3.34 -12.58 5.20
CA GLU A 57 -4.62 -12.07 5.65
C GLU A 57 -4.47 -11.25 6.91
N LEU A 58 -3.56 -11.66 7.78
CA LEU A 58 -3.29 -10.93 9.01
C LEU A 58 -2.68 -9.56 8.71
N ARG A 59 -1.81 -9.50 7.71
CA ARG A 59 -1.30 -8.20 7.29
C ARG A 59 -2.42 -7.29 6.82
N ARG A 60 -3.45 -7.87 6.18
CA ARG A 60 -4.57 -7.06 5.74
C ARG A 60 -5.33 -6.51 6.93
N LYS A 61 -5.59 -7.36 7.91
CA LYS A 61 -6.32 -6.89 9.09
C LYS A 61 -5.55 -5.78 9.79
N LEU A 62 -4.22 -5.91 9.86
CA LEU A 62 -3.44 -4.95 10.62
C LEU A 62 -3.42 -3.58 9.95
N LEU A 63 -3.34 -3.54 8.62
CA LEU A 63 -3.38 -2.24 7.98
C LEU A 63 -4.74 -1.58 8.07
N ALA A 64 -5.77 -2.33 8.40
CA ALA A 64 -7.09 -1.74 8.50
C ALA A 64 -7.37 -1.34 9.94
N ASP A 65 -6.70 -2.00 10.88
CA ASP A 65 -6.81 -1.58 12.27
C ASP A 65 -6.19 -0.21 12.47
N SER A 66 -5.24 0.17 11.63
CA SER A 66 -4.59 1.46 11.78
C SER A 66 -5.48 2.63 11.32
N VAL A 67 -6.54 2.40 10.55
CA VAL A 67 -7.34 3.54 10.10
C VAL A 67 -8.40 3.80 11.16
N ASP A 68 -8.64 5.06 11.46
CA ASP A 68 -9.55 5.45 12.54
C ASP A 68 -11.04 5.26 12.24
N LYS B 16 0.53 4.65 21.08
CA LYS B 16 0.25 3.24 21.33
C LYS B 16 -0.28 2.57 20.05
N GLY B 17 -0.35 3.35 18.99
CA GLY B 17 -0.32 2.83 17.63
C GLY B 17 1.06 2.42 17.21
N LEU B 18 2.02 2.55 18.12
CA LEU B 18 3.36 2.01 17.93
C LEU B 18 3.38 0.51 18.16
N HIS B 19 2.52 0.01 19.06
CA HIS B 19 2.44 -1.43 19.27
C HIS B 19 1.86 -2.15 18.06
N LEU B 20 0.87 -1.54 17.41
CA LEU B 20 0.39 -2.06 16.14
C LEU B 20 1.48 -1.99 15.08
N GLU B 21 2.31 -0.94 15.13
CA GLU B 21 3.39 -0.82 14.18
C GLU B 21 4.39 -1.96 14.33
N GLN B 22 4.53 -2.50 15.54
CA GLN B 22 5.53 -3.54 15.75
C GLN B 22 5.04 -4.88 15.23
N GLN B 23 3.75 -5.18 15.38
CA GLN B 23 3.29 -6.46 14.89
C GLN B 23 2.97 -6.43 13.41
N LEU B 24 2.84 -5.24 12.82
CA LEU B 24 2.89 -5.17 11.36
C LEU B 24 4.26 -5.61 10.87
N TYR B 25 5.32 -5.06 11.47
CA TYR B 25 6.67 -5.43 11.06
C TYR B 25 6.92 -6.90 11.30
N SER B 26 6.41 -7.42 12.41
CA SER B 26 6.58 -8.83 12.71
C SER B 26 5.89 -9.69 11.65
N VAL B 27 4.68 -9.30 11.24
CA VAL B 27 3.97 -10.09 10.23
C VAL B 27 4.69 -10.05 8.89
N GLU B 29 7.91 -9.54 8.39
CA GLU B 29 9.12 -10.34 8.46
C GLU B 29 8.81 -11.84 8.36
N ASP B 30 7.64 -12.27 8.85
CA ASP B 30 7.24 -13.67 8.70
C ASP B 30 7.00 -13.99 7.23
N ILE B 31 6.30 -13.10 6.53
CA ILE B 31 6.03 -13.33 5.11
C ILE B 31 7.34 -13.42 4.33
N CYS B 32 8.27 -12.49 4.57
CA CYS B 32 9.55 -12.53 3.88
C CYS B 32 10.30 -13.81 4.18
N LYS B 33 10.21 -14.30 5.42
CA LYS B 33 10.85 -15.56 5.75
C LYS B 33 10.26 -16.73 4.97
N LEU B 34 8.92 -16.79 4.87
CA LEU B 34 8.27 -17.82 4.07
C LEU B 34 8.71 -17.75 2.61
N VAL B 35 8.72 -16.55 2.03
CA VAL B 35 9.16 -16.42 0.64
C VAL B 35 10.60 -16.88 0.49
N ASP B 36 11.47 -16.49 1.41
CA ASP B 36 12.89 -16.79 1.28
C ASP B 36 13.15 -18.31 1.22
N ALA B 37 12.26 -19.12 1.78
CA ALA B 37 12.48 -20.56 1.75
C ALA B 37 11.63 -21.28 0.71
N ILE B 38 10.85 -20.57 -0.10
CA ILE B 38 10.15 -21.31 -1.14
C ILE B 38 11.23 -21.86 -2.07
N PRO B 39 11.27 -23.17 -2.28
CA PRO B 39 12.24 -23.71 -3.23
C PRO B 39 11.97 -23.17 -4.63
N LEU B 40 13.03 -23.13 -5.42
CA LEU B 40 12.94 -22.56 -6.76
C LEU B 40 11.99 -23.36 -7.62
N HIS B 41 11.95 -24.67 -7.44
CA HIS B 41 11.10 -25.51 -8.26
C HIS B 41 9.62 -25.17 -8.06
N GLU B 42 9.21 -24.86 -6.83
CA GLU B 42 7.82 -24.50 -6.60
C GLU B 42 7.56 -23.08 -7.05
N LEU B 43 8.57 -22.22 -6.86
CA LEU B 43 8.41 -20.81 -7.12
C LEU B 43 8.12 -20.57 -8.60
N THR B 44 8.62 -21.43 -9.48
CA THR B 44 8.46 -21.24 -10.91
C THR B 44 7.00 -21.38 -11.35
N SER B 45 6.19 -22.13 -10.60
CA SER B 45 4.77 -22.24 -10.91
C SER B 45 3.94 -21.01 -10.48
N ILE B 46 4.58 -19.94 -10.01
CA ILE B 46 3.92 -18.70 -9.61
C ILE B 46 4.20 -17.60 -10.64
N SER B 47 3.17 -16.87 -11.04
CA SER B 47 3.30 -15.96 -12.18
C SER B 47 4.30 -14.82 -11.91
N CYS B 48 4.36 -14.30 -10.68
CA CYS B 48 5.26 -13.20 -10.37
C CYS B 48 6.60 -13.68 -9.83
N ALA B 49 7.00 -14.88 -10.24
CA ALA B 49 8.23 -15.49 -9.73
C ALA B 49 9.45 -14.61 -9.99
N LYS B 50 9.62 -14.15 -11.24
CA LYS B 50 10.74 -13.28 -11.59
C LYS B 50 10.88 -12.15 -10.59
N GLU B 51 9.76 -11.59 -10.14
CA GLU B 51 9.86 -10.45 -9.24
C GLU B 51 10.13 -10.93 -7.81
N LEU B 52 9.44 -11.97 -7.36
CA LEU B 52 9.71 -12.50 -6.03
C LEU B 52 11.16 -12.90 -5.90
N LEU B 53 11.75 -13.38 -6.99
CA LEU B 53 13.15 -13.78 -6.97
C LEU B 53 14.04 -12.57 -6.76
N GLN B 54 13.83 -11.54 -7.57
CA GLN B 54 14.64 -10.34 -7.51
C GLN B 54 14.54 -9.70 -6.15
N GLN B 55 13.33 -9.60 -5.61
CA GLN B 55 13.15 -8.94 -4.32
C GLN B 55 13.70 -9.76 -3.16
N ARG B 56 13.46 -11.07 -3.12
CA ARG B 56 13.98 -11.79 -1.95
C ARG B 56 15.50 -11.78 -1.96
N GLU B 57 16.09 -11.78 -3.17
CA GLU B 57 17.54 -11.66 -3.26
C GLU B 57 18.00 -10.27 -2.86
N LEU B 58 17.21 -9.24 -3.16
CA LEU B 58 17.52 -7.89 -2.69
C LEU B 58 17.45 -7.77 -1.17
N ARG B 59 16.44 -8.42 -0.56
CA ARG B 59 16.36 -8.37 0.89
C ARG B 59 17.57 -9.02 1.51
N ARG B 60 18.02 -10.13 0.93
CA ARG B 60 19.21 -10.78 1.46
C ARG B 60 20.43 -9.86 1.36
N LYS B 61 20.58 -9.19 0.22
CA LYS B 61 21.69 -8.23 0.07
C LYS B 61 21.60 -7.10 1.10
N LEU B 62 20.39 -6.64 1.43
CA LEU B 62 20.28 -5.53 2.36
C LEU B 62 20.52 -5.93 3.81
N LEU B 63 20.15 -7.17 4.21
CA LEU B 63 20.39 -7.60 5.58
C LEU B 63 21.87 -7.82 5.84
N ALA B 64 22.69 -7.89 4.79
CA ALA B 64 24.12 -8.13 4.95
C ALA B 64 24.93 -6.86 4.91
N ASP B 65 24.41 -5.80 4.27
CA ASP B 65 25.07 -4.50 4.32
C ASP B 65 25.10 -3.90 5.72
N SER B 66 24.41 -4.51 6.68
CA SER B 66 24.37 -4.07 8.07
C SER B 66 25.45 -4.72 8.92
N VAL B 67 26.26 -5.55 8.35
CA VAL B 67 27.32 -6.21 9.09
C VAL B 67 28.57 -5.35 9.06
N ASP B 68 29.21 -5.22 10.21
CA ASP B 68 30.41 -4.42 10.35
C ASP B 68 31.68 -5.26 10.23
N GLY C 17 28.23 -13.46 33.52
CA GLY C 17 29.19 -13.79 32.48
C GLY C 17 28.54 -14.49 31.29
N LEU C 18 27.21 -14.58 31.31
CA LEU C 18 26.43 -15.26 30.27
C LEU C 18 26.29 -14.41 29.00
N HIS C 19 26.83 -13.20 29.01
CA HIS C 19 26.55 -12.20 27.97
C HIS C 19 27.21 -12.57 26.63
N LEU C 20 28.28 -13.37 26.66
CA LEU C 20 29.06 -13.59 25.45
C LEU C 20 28.47 -14.67 24.56
N GLU C 21 27.71 -15.63 25.08
CA GLU C 21 27.04 -16.54 24.15
C GLU C 21 26.02 -15.81 23.30
N GLN C 22 25.37 -14.78 23.84
CA GLN C 22 24.49 -13.99 22.99
C GLN C 22 25.29 -13.08 22.06
N GLN C 23 26.56 -12.84 22.38
CA GLN C 23 27.39 -12.08 21.47
C GLN C 23 28.08 -12.98 20.48
N LEU C 24 28.31 -14.24 20.86
CA LEU C 24 28.77 -15.21 19.88
C LEU C 24 27.67 -15.51 18.89
N TYR C 25 26.45 -15.71 19.40
CA TYR C 25 25.32 -15.96 18.51
C TYR C 25 25.13 -14.81 17.52
N SER C 26 25.29 -13.57 17.98
CA SER C 26 25.13 -12.43 17.09
C SER C 26 26.18 -12.48 15.97
N VAL C 27 27.43 -12.79 16.32
CA VAL C 27 28.43 -12.91 15.27
C VAL C 27 28.07 -14.03 14.30
N GLU C 29 25.21 -15.12 13.48
CA GLU C 29 24.13 -14.67 12.61
C GLU C 29 24.65 -13.72 11.53
N ASP C 30 25.65 -12.88 11.86
CA ASP C 30 26.21 -11.95 10.89
C ASP C 30 26.86 -12.70 9.75
N ILE C 31 27.62 -13.73 10.07
CA ILE C 31 28.29 -14.55 9.07
C ILE C 31 27.25 -15.21 8.17
N CYS C 32 26.20 -15.76 8.76
CA CYS C 32 25.17 -16.36 7.92
C CYS C 32 24.57 -15.32 6.99
N LYS C 33 24.31 -14.12 7.49
CA LYS C 33 23.78 -13.07 6.63
C LYS C 33 24.74 -12.74 5.50
N LEU C 34 26.05 -12.66 5.78
CA LEU C 34 26.99 -12.46 4.71
C LEU C 34 26.95 -13.62 3.72
N VAL C 35 26.94 -14.85 4.22
CA VAL C 35 26.93 -16.00 3.32
C VAL C 35 25.67 -16.01 2.48
N ASP C 36 24.52 -15.65 3.07
CA ASP C 36 23.25 -15.80 2.36
C ASP C 36 23.17 -14.91 1.13
N ALA C 37 23.96 -13.83 1.07
CA ALA C 37 23.87 -12.85 -0.01
C ALA C 37 24.99 -12.97 -1.04
N ILE C 38 25.89 -13.94 -0.87
CA ILE C 38 26.89 -14.21 -1.90
C ILE C 38 26.16 -14.70 -3.15
N PRO C 39 26.27 -14.02 -4.28
CA PRO C 39 25.62 -14.53 -5.49
C PRO C 39 26.25 -15.82 -5.97
N LEU C 40 25.46 -16.60 -6.71
CA LEU C 40 25.93 -17.88 -7.24
C LEU C 40 27.15 -17.69 -8.13
N HIS C 41 27.27 -16.54 -8.79
CA HIS C 41 28.39 -16.36 -9.70
C HIS C 41 29.71 -16.29 -8.97
N GLU C 42 29.74 -15.67 -7.78
CA GLU C 42 30.98 -15.56 -7.03
C GLU C 42 31.44 -16.91 -6.49
N LEU C 43 30.53 -17.86 -6.34
CA LEU C 43 30.83 -19.09 -5.61
C LEU C 43 31.58 -20.12 -6.43
N THR C 44 31.69 -19.94 -7.75
CA THR C 44 32.37 -20.94 -8.56
C THR C 44 33.83 -21.12 -8.19
N SER C 45 34.45 -20.12 -7.57
CA SER C 45 35.85 -20.23 -7.16
C SER C 45 36.03 -20.93 -5.82
N ILE C 46 34.95 -21.34 -5.17
CA ILE C 46 34.98 -21.80 -3.79
C ILE C 46 34.94 -23.32 -3.74
N SER C 47 35.84 -23.91 -2.96
CA SER C 47 35.93 -25.37 -2.89
C SER C 47 34.68 -25.98 -2.25
N CYS C 48 34.20 -25.37 -1.15
CA CYS C 48 33.04 -25.84 -0.41
C CYS C 48 31.75 -25.21 -0.89
N ALA C 49 31.70 -24.78 -2.15
CA ALA C 49 30.52 -24.09 -2.67
C ALA C 49 29.27 -24.93 -2.51
N LYS C 50 29.34 -26.21 -2.85
CA LYS C 50 28.16 -27.08 -2.72
C LYS C 50 27.66 -27.19 -1.29
N GLU C 51 28.57 -27.36 -0.31
CA GLU C 51 28.11 -27.47 1.07
C GLU C 51 27.63 -26.13 1.60
N LEU C 52 28.27 -25.04 1.17
CA LEU C 52 27.83 -23.71 1.54
C LEU C 52 26.41 -23.45 1.05
N LEU C 53 26.11 -23.83 -0.20
CA LEU C 53 24.76 -23.66 -0.73
C LEU C 53 23.75 -24.53 0.00
N GLN C 54 24.08 -25.81 0.21
CA GLN C 54 23.15 -26.71 0.89
C GLN C 54 22.83 -26.18 2.29
N GLN C 55 23.86 -25.79 3.02
CA GLN C 55 23.66 -25.42 4.41
C GLN C 55 22.93 -24.08 4.52
N ARG C 56 23.24 -23.10 3.66
CA ARG C 56 22.54 -21.83 3.79
C ARG C 56 21.07 -21.98 3.37
N GLU C 57 20.76 -22.87 2.44
CA GLU C 57 19.36 -23.11 2.11
C GLU C 57 18.64 -23.80 3.27
N LEU C 58 19.33 -24.69 3.98
CA LEU C 58 18.69 -25.33 5.13
C LEU C 58 18.34 -24.30 6.20
N ARG C 59 19.21 -23.31 6.41
CA ARG C 59 18.92 -22.24 7.35
C ARG C 59 17.66 -21.45 6.96
N ARG C 60 17.50 -21.15 5.67
CA ARG C 60 16.27 -20.44 5.28
C ARG C 60 15.05 -21.27 5.64
N LYS C 61 15.08 -22.56 5.35
CA LYS C 61 13.96 -23.46 5.65
C LYS C 61 13.66 -23.50 7.14
N LEU C 62 14.71 -23.48 7.98
CA LEU C 62 14.50 -23.60 9.41
C LEU C 62 13.95 -22.31 10.01
N LEU C 63 14.37 -21.16 9.46
CA LEU C 63 13.81 -19.89 9.86
C LEU C 63 12.38 -19.74 9.42
N ALA C 64 11.91 -20.57 8.51
CA ALA C 64 10.56 -20.47 8.00
C ALA C 64 9.62 -21.41 8.72
N ASP C 65 10.15 -22.55 9.18
CA ASP C 65 9.36 -23.47 10.01
C ASP C 65 8.91 -22.83 11.32
N SER C 66 9.45 -21.66 11.68
CA SER C 66 9.06 -20.94 12.89
C SER C 66 7.88 -20.00 12.68
N VAL C 67 7.41 -19.79 11.47
CA VAL C 67 6.21 -19.00 11.26
C VAL C 67 5.01 -19.89 11.54
N ASP C 68 4.04 -19.37 12.27
CA ASP C 68 2.83 -20.12 12.63
C ASP C 68 1.97 -20.43 11.41
N ASP D 15 6.09 -27.36 22.22
CA ASP D 15 7.31 -27.78 22.93
C ASP D 15 8.47 -27.98 21.97
N LYS D 16 8.14 -28.29 20.72
CA LYS D 16 9.15 -28.62 19.70
C LYS D 16 9.69 -27.38 19.00
N GLY D 17 9.50 -26.20 19.59
CA GLY D 17 10.18 -24.99 19.19
C GLY D 17 11.55 -24.83 19.78
N LEU D 18 11.90 -25.63 20.78
CA LEU D 18 13.26 -25.66 21.29
C LEU D 18 14.10 -26.70 20.57
N HIS D 19 13.47 -27.74 20.03
CA HIS D 19 14.16 -28.63 19.12
C HIS D 19 14.54 -27.90 17.84
N LEU D 20 13.66 -27.02 17.37
CA LEU D 20 13.96 -26.30 16.14
C LEU D 20 15.05 -25.28 16.36
N GLU D 21 15.09 -24.63 17.53
CA GLU D 21 16.19 -23.70 17.76
C GLU D 21 17.51 -24.43 17.88
N GLN D 22 17.53 -25.60 18.50
CA GLN D 22 18.82 -26.25 18.60
C GLN D 22 19.20 -26.93 17.29
N GLN D 23 18.25 -27.00 16.38
CA GLN D 23 18.55 -27.49 15.05
C GLN D 23 19.11 -26.40 14.15
N LEU D 24 18.62 -25.16 14.32
CA LEU D 24 19.15 -24.04 13.55
C LEU D 24 20.55 -23.66 14.00
N TYR D 25 20.86 -23.85 15.28
CA TYR D 25 22.21 -23.55 15.78
C TYR D 25 23.27 -24.40 15.09
N SER D 26 23.01 -25.70 14.93
CA SER D 26 23.99 -26.53 14.23
C SER D 26 24.20 -26.04 12.79
N VAL D 27 23.12 -25.65 12.11
CA VAL D 27 23.27 -25.14 10.74
C VAL D 27 24.12 -23.87 10.71
N GLU D 29 26.34 -23.09 13.04
CA GLU D 29 27.71 -23.48 13.36
C GLU D 29 28.38 -24.12 12.16
N ASP D 30 27.64 -24.95 11.41
CA ASP D 30 28.22 -25.63 10.25
C ASP D 30 28.63 -24.63 9.17
N ILE D 31 27.80 -23.63 8.97
CA ILE D 31 28.09 -22.56 8.03
C ILE D 31 29.37 -21.84 8.45
N CYS D 32 29.53 -21.58 9.75
CA CYS D 32 30.72 -20.90 10.24
C CYS D 32 31.97 -21.73 9.97
N LYS D 33 31.90 -23.03 10.26
CA LYS D 33 33.05 -23.90 10.03
C LYS D 33 33.45 -23.90 8.56
N LEU D 34 32.47 -23.87 7.65
CA LEU D 34 32.79 -23.77 6.23
C LEU D 34 33.55 -22.48 5.92
N VAL D 35 33.09 -21.36 6.49
CA VAL D 35 33.70 -20.05 6.26
C VAL D 35 35.11 -19.98 6.86
N ASP D 36 35.29 -20.55 8.05
CA ASP D 36 36.58 -20.51 8.74
C ASP D 36 37.68 -21.20 7.93
N ALA D 37 37.32 -22.09 7.02
CA ALA D 37 38.31 -22.84 6.26
C ALA D 37 38.46 -22.36 4.82
N ILE D 38 37.77 -21.30 4.41
CA ILE D 38 37.95 -20.84 3.04
C ILE D 38 39.30 -20.14 2.93
N PRO D 39 40.17 -20.59 2.03
CA PRO D 39 41.47 -19.93 1.86
C PRO D 39 41.34 -18.51 1.33
N LEU D 40 42.30 -17.66 1.70
CA LEU D 40 42.25 -16.27 1.27
C LEU D 40 42.31 -16.14 -0.24
N HIS D 41 43.06 -17.04 -0.90
CA HIS D 41 43.13 -17.04 -2.35
C HIS D 41 41.74 -17.21 -2.96
N GLU D 42 40.92 -18.07 -2.35
CA GLU D 42 39.55 -18.27 -2.83
C GLU D 42 38.64 -17.11 -2.43
N LEU D 43 38.97 -16.42 -1.34
CA LEU D 43 38.06 -15.46 -0.76
C LEU D 43 37.96 -14.16 -1.55
N THR D 44 39.03 -13.77 -2.24
CA THR D 44 39.02 -12.48 -2.92
C THR D 44 37.98 -12.41 -4.03
N SER D 45 37.57 -13.55 -4.58
CA SER D 45 36.54 -13.56 -5.61
C SER D 45 35.16 -13.30 -5.05
N ILE D 46 35.07 -13.07 -3.75
CA ILE D 46 33.82 -12.79 -3.04
C ILE D 46 33.81 -11.31 -2.68
N SER D 47 32.71 -10.63 -3.03
CA SER D 47 32.64 -9.18 -2.79
C SER D 47 32.73 -8.85 -1.31
N CYS D 48 32.11 -9.66 -0.46
CA CYS D 48 32.11 -9.37 0.96
C CYS D 48 33.29 -9.99 1.67
N ALA D 49 34.37 -10.25 0.95
CA ALA D 49 35.56 -10.86 1.55
C ALA D 49 36.03 -10.09 2.79
N LYS D 50 36.18 -8.76 2.68
CA LYS D 50 36.61 -7.97 3.83
C LYS D 50 35.77 -8.26 5.07
N GLU D 51 34.45 -8.28 4.90
CA GLU D 51 33.55 -8.36 6.06
C GLU D 51 33.48 -9.79 6.61
N LEU D 52 33.50 -10.78 5.71
CA LEU D 52 33.60 -12.18 6.11
C LEU D 52 34.89 -12.47 6.87
N LEU D 53 35.99 -11.80 6.51
CA LEU D 53 37.24 -11.98 7.23
C LEU D 53 37.15 -11.44 8.66
N GLN D 54 36.67 -10.22 8.82
CA GLN D 54 36.58 -9.64 10.15
C GLN D 54 35.69 -10.49 11.07
N GLN D 55 34.52 -10.90 10.58
CA GLN D 55 33.58 -11.62 11.45
C GLN D 55 34.08 -13.03 11.75
N ARG D 56 34.67 -13.70 10.76
CA ARG D 56 35.19 -15.04 11.04
C ARG D 56 36.33 -15.00 12.03
N GLU D 57 37.12 -13.91 12.03
CA GLU D 57 38.20 -13.78 13.01
C GLU D 57 37.64 -13.50 14.41
N LEU D 58 36.58 -12.67 14.47
CA LEU D 58 35.97 -12.33 15.74
C LEU D 58 35.33 -13.54 16.40
N ARG D 59 34.73 -14.42 15.61
CA ARG D 59 34.16 -15.65 16.15
C ARG D 59 35.22 -16.49 16.87
N ARG D 60 36.43 -16.58 16.31
CA ARG D 60 37.51 -17.29 16.96
C ARG D 60 37.83 -16.66 18.31
N LYS D 61 37.89 -15.32 18.34
CA LYS D 61 38.19 -14.62 19.59
C LYS D 61 37.15 -14.93 20.65
N LEU D 62 35.87 -14.92 20.27
CA LEU D 62 34.84 -15.20 21.27
C LEU D 62 34.78 -16.68 21.61
N LEU D 63 35.10 -17.56 20.68
CA LEU D 63 35.10 -18.96 21.05
C LEU D 63 36.21 -19.27 22.04
N ALA D 64 37.23 -18.41 22.10
CA ALA D 64 38.37 -18.61 22.97
C ALA D 64 38.23 -17.84 24.28
N ASP D 65 37.38 -16.82 24.29
CA ASP D 65 37.07 -16.14 25.53
C ASP D 65 36.16 -16.96 26.42
N SER D 66 35.58 -18.05 25.91
CA SER D 66 34.78 -18.94 26.72
C SER D 66 35.59 -20.02 27.42
N VAL D 67 36.89 -20.09 27.16
CA VAL D 67 37.72 -21.08 27.83
C VAL D 67 37.97 -20.59 29.25
N ASP D 68 37.41 -21.32 30.22
CA ASP D 68 37.60 -21.03 31.63
C ASP D 68 38.69 -21.91 32.19
N GLY E 17 35.23 -45.50 34.13
CA GLY E 17 36.05 -46.10 33.09
C GLY E 17 36.39 -45.18 31.93
N LEU E 18 35.59 -45.25 30.86
CA LEU E 18 35.78 -44.49 29.62
C LEU E 18 35.57 -42.97 29.80
N HIS E 19 35.23 -42.54 31.01
CA HIS E 19 34.78 -41.16 31.23
C HIS E 19 35.90 -40.15 31.11
N LEU E 20 37.14 -40.59 31.18
CA LEU E 20 38.30 -39.71 31.22
C LEU E 20 38.77 -39.30 29.85
N GLU E 21 38.41 -40.08 28.82
CA GLU E 21 38.81 -39.74 27.46
C GLU E 21 38.04 -38.50 26.97
N GLN E 22 36.74 -38.43 27.23
CA GLN E 22 35.97 -37.26 26.81
C GLN E 22 36.42 -35.99 27.53
N GLN E 23 37.00 -36.11 28.71
CA GLN E 23 37.47 -34.94 29.45
C GLN E 23 38.82 -34.43 28.95
N LEU E 24 39.63 -35.32 28.38
CA LEU E 24 40.86 -34.93 27.69
C LEU E 24 40.56 -34.23 26.38
N TYR E 25 39.66 -34.82 25.59
CA TYR E 25 39.29 -34.23 24.30
C TYR E 25 38.76 -32.81 24.46
N SER E 26 38.02 -32.55 25.54
CA SER E 26 37.54 -31.20 25.83
C SER E 26 38.71 -30.25 26.06
N VAL E 27 39.71 -30.67 26.84
CA VAL E 27 40.85 -29.80 27.13
C VAL E 27 41.67 -29.54 25.89
N GLU E 29 40.49 -29.47 23.04
CA GLU E 29 39.68 -28.56 22.25
C GLU E 29 39.84 -27.12 22.74
N ASP E 30 40.04 -26.95 24.03
CA ASP E 30 40.22 -25.60 24.58
C ASP E 30 41.56 -25.01 24.19
N ILE E 31 42.61 -25.82 24.21
CA ILE E 31 43.91 -25.33 23.79
C ILE E 31 43.86 -24.87 22.35
N CYS E 32 43.25 -25.70 21.49
CA CYS E 32 43.14 -25.36 20.08
C CYS E 32 42.35 -24.09 19.88
N LYS E 33 41.28 -23.89 20.66
CA LYS E 33 40.52 -22.65 20.57
C LYS E 33 41.40 -21.46 20.94
N LEU E 34 42.12 -21.58 22.07
CA LEU E 34 43.05 -20.53 22.48
C LEU E 34 44.08 -20.27 21.40
N VAL E 35 44.62 -21.33 20.78
CA VAL E 35 45.62 -21.16 19.74
C VAL E 35 45.02 -20.50 18.49
N ASP E 36 43.80 -20.88 18.11
CA ASP E 36 43.19 -20.23 16.95
C ASP E 36 42.91 -18.74 17.17
N ALA E 37 42.91 -18.25 18.40
CA ALA E 37 42.60 -16.85 18.62
C ALA E 37 43.83 -15.96 18.77
N ILE E 38 45.02 -16.53 18.75
CA ILE E 38 46.22 -15.71 18.94
C ILE E 38 46.39 -14.84 17.71
N PRO E 39 46.43 -13.52 17.87
CA PRO E 39 46.61 -12.65 16.71
C PRO E 39 47.93 -12.97 16.04
N LEU E 40 47.98 -12.73 14.73
CA LEU E 40 49.19 -13.07 14.00
C LEU E 40 50.37 -12.25 14.51
N HIS E 41 50.16 -10.96 14.80
CA HIS E 41 51.27 -10.12 15.23
C HIS E 41 51.85 -10.58 16.57
N GLU E 42 51.02 -11.17 17.44
CA GLU E 42 51.51 -11.75 18.68
C GLU E 42 52.30 -13.03 18.43
N LEU E 43 52.13 -13.65 17.28
CA LEU E 43 52.77 -14.93 17.00
C LEU E 43 54.25 -14.82 16.71
N THR E 44 54.75 -13.62 16.45
CA THR E 44 56.13 -13.47 15.99
C THR E 44 57.14 -13.98 17.01
N SER E 45 56.86 -13.84 18.30
CA SER E 45 57.86 -14.07 19.34
C SER E 45 58.04 -15.53 19.74
N ILE E 46 57.29 -16.47 19.16
CA ILE E 46 57.31 -17.87 19.58
C ILE E 46 58.13 -18.69 18.59
N SER E 47 58.98 -19.57 19.11
CA SER E 47 59.88 -20.32 18.25
C SER E 47 59.10 -21.19 17.26
N CYS E 48 58.04 -21.85 17.71
CA CYS E 48 57.31 -22.80 16.88
C CYS E 48 56.17 -22.15 16.11
N ALA E 49 56.24 -20.83 15.87
CA ALA E 49 55.15 -20.11 15.23
C ALA E 49 54.74 -20.73 13.90
N LYS E 50 55.70 -20.96 13.00
CA LYS E 50 55.42 -21.52 11.68
C LYS E 50 54.54 -22.78 11.75
N GLU E 51 54.85 -23.69 12.67
CA GLU E 51 54.10 -24.96 12.72
C GLU E 51 52.79 -24.80 13.49
N LEU E 52 52.79 -23.99 14.53
CA LEU E 52 51.53 -23.63 15.16
C LEU E 52 50.56 -23.05 14.12
N LEU E 53 51.09 -22.22 13.23
CA LEU E 53 50.24 -21.58 12.23
C LEU E 53 49.75 -22.61 11.21
N GLN E 54 50.63 -23.53 10.81
CA GLN E 54 50.27 -24.54 9.82
C GLN E 54 49.21 -25.52 10.33
N GLN E 55 49.34 -25.96 11.58
CA GLN E 55 48.41 -26.98 12.08
C GLN E 55 47.06 -26.38 12.39
N ARG E 56 47.02 -25.19 12.98
CA ARG E 56 45.74 -24.61 13.35
C ARG E 56 44.88 -24.37 12.10
N GLU E 57 45.51 -24.10 10.95
CA GLU E 57 44.75 -23.99 9.70
C GLU E 57 44.21 -25.34 9.26
N LEU E 58 45.04 -26.38 9.37
CA LEU E 58 44.57 -27.71 9.02
C LEU E 58 43.44 -28.18 9.93
N ARG E 59 43.45 -27.77 11.19
CA ARG E 59 42.31 -28.09 12.05
C ARG E 59 41.03 -27.46 11.52
N ARG E 60 41.11 -26.23 11.01
CA ARG E 60 39.93 -25.60 10.44
C ARG E 60 39.42 -26.40 9.26
N LYS E 61 40.34 -26.82 8.39
CA LYS E 61 39.95 -27.53 7.16
C LYS E 61 39.33 -28.89 7.48
N LEU E 62 39.86 -29.60 8.48
CA LEU E 62 39.25 -30.87 8.89
C LEU E 62 37.91 -30.68 9.58
N LEU E 63 37.74 -29.59 10.33
CA LEU E 63 36.45 -29.36 10.96
C LEU E 63 35.40 -29.13 9.93
N ALA E 64 35.72 -28.35 8.90
CA ALA E 64 34.74 -28.08 7.87
C ALA E 64 34.52 -29.29 6.99
N ASP E 65 35.54 -30.17 6.90
CA ASP E 65 35.41 -31.39 6.12
C ASP E 65 34.29 -32.28 6.63
N SER E 66 34.00 -32.25 7.94
CA SER E 66 32.92 -33.04 8.52
C SER E 66 31.52 -32.49 8.24
N VAL E 67 31.40 -31.33 7.60
CA VAL E 67 30.10 -30.74 7.31
C VAL E 67 29.43 -31.53 6.21
N ASP E 68 28.24 -32.06 6.48
CA ASP E 68 27.54 -32.93 5.54
C ASP E 68 26.43 -32.20 4.83
N ALA F 14 -2.43 30.47 -0.74
CA ALA F 14 -3.15 29.24 -1.04
C ALA F 14 -2.24 28.24 -1.74
N ASP F 15 -0.98 28.18 -1.32
CA ASP F 15 -0.04 27.24 -1.91
C ASP F 15 -0.45 25.79 -1.66
N LYS F 16 -1.17 25.53 -0.57
CA LYS F 16 -1.62 24.18 -0.23
C LYS F 16 -3.04 23.95 -0.73
N GLY F 17 -3.15 23.80 -2.05
CA GLY F 17 -4.36 23.24 -2.63
C GLY F 17 -4.08 21.82 -3.08
N LEU F 18 -2.82 21.57 -3.45
CA LEU F 18 -2.37 20.20 -3.66
C LEU F 18 -2.14 19.48 -2.35
N HIS F 19 -2.07 20.21 -1.23
CA HIS F 19 -2.05 19.57 0.08
C HIS F 19 -3.37 18.85 0.35
N LEU F 20 -4.48 19.45 -0.07
CA LEU F 20 -5.77 18.80 0.12
C LEU F 20 -5.86 17.52 -0.69
N GLU F 21 -5.24 17.51 -1.86
CA GLU F 21 -5.25 16.32 -2.70
C GLU F 21 -4.56 15.15 -2.02
N GLN F 22 -3.56 15.44 -1.19
CA GLN F 22 -2.90 14.36 -0.47
C GLN F 22 -3.68 13.95 0.75
N GLN F 23 -4.54 14.82 1.28
CA GLN F 23 -5.43 14.43 2.36
C GLN F 23 -6.54 13.55 1.81
N LEU F 24 -6.99 13.85 0.59
CA LEU F 24 -7.99 13.00 -0.04
C LEU F 24 -7.41 11.64 -0.34
N TYR F 25 -6.19 11.58 -0.84
CA TYR F 25 -5.59 10.30 -1.16
C TYR F 25 -5.48 9.43 0.08
N SER F 26 -5.09 10.03 1.21
CA SER F 26 -4.94 9.26 2.44
C SER F 26 -6.26 8.62 2.82
N VAL F 27 -7.35 9.39 2.78
CA VAL F 27 -8.65 8.83 3.11
C VAL F 27 -9.04 7.73 2.13
N GLU F 29 -6.97 5.79 0.44
CA GLU F 29 -6.22 4.59 0.76
C GLU F 29 -6.73 3.93 2.03
N ASP F 30 -7.24 4.71 2.98
CA ASP F 30 -7.79 4.13 4.20
C ASP F 30 -9.03 3.31 3.90
N ILE F 31 -9.94 3.87 3.11
CA ILE F 31 -11.13 3.14 2.71
C ILE F 31 -10.72 1.83 2.02
N CYS F 32 -9.72 1.90 1.16
CA CYS F 32 -9.22 0.69 0.51
C CYS F 32 -8.68 -0.30 1.52
N LYS F 33 -7.98 0.19 2.56
CA LYS F 33 -7.49 -0.74 3.57
C LYS F 33 -8.64 -1.37 4.34
N LEU F 34 -9.68 -0.59 4.65
CA LEU F 34 -10.85 -1.17 5.33
C LEU F 34 -11.51 -2.24 4.47
N VAL F 35 -11.74 -1.92 3.20
CA VAL F 35 -12.43 -2.83 2.30
C VAL F 35 -11.60 -4.10 2.07
N ASP F 36 -10.28 -3.94 1.96
CA ASP F 36 -9.39 -5.06 1.71
C ASP F 36 -9.47 -6.14 2.80
N ALA F 37 -9.94 -5.80 4.00
CA ALA F 37 -9.97 -6.75 5.10
C ALA F 37 -11.36 -7.28 5.46
N ILE F 38 -12.42 -6.86 4.75
CA ILE F 38 -13.73 -7.44 5.06
C ILE F 38 -13.72 -8.91 4.69
N PRO F 39 -13.99 -9.80 5.63
CA PRO F 39 -14.11 -11.23 5.30
C PRO F 39 -15.33 -11.51 4.45
N LEU F 40 -15.28 -12.62 3.72
CA LEU F 40 -16.33 -12.94 2.75
C LEU F 40 -17.70 -13.09 3.43
N HIS F 41 -17.76 -13.72 4.60
CA HIS F 41 -19.06 -13.96 5.22
C HIS F 41 -19.75 -12.66 5.59
N GLU F 42 -18.99 -11.59 5.83
CA GLU F 42 -19.61 -10.29 6.08
C GLU F 42 -20.16 -9.67 4.79
N LEU F 43 -19.55 -9.98 3.66
CA LEU F 43 -20.01 -9.41 2.40
C LEU F 43 -21.31 -10.01 1.89
N THR F 44 -21.73 -11.19 2.39
CA THR F 44 -22.84 -11.88 1.75
C THR F 44 -24.12 -11.04 1.74
N SER F 45 -24.24 -10.11 2.67
CA SER F 45 -25.43 -9.28 2.78
C SER F 45 -25.37 -8.00 1.94
N ILE F 46 -24.31 -7.79 1.17
CA ILE F 46 -24.06 -6.51 0.50
C ILE F 46 -24.43 -6.63 -0.97
N SER F 47 -25.22 -5.68 -1.48
CA SER F 47 -25.67 -5.73 -2.87
C SER F 47 -24.50 -5.68 -3.84
N CYS F 48 -23.53 -4.79 -3.60
CA CYS F 48 -22.41 -4.59 -4.52
C CYS F 48 -21.19 -5.45 -4.19
N ALA F 49 -21.39 -6.59 -3.53
CA ALA F 49 -20.26 -7.44 -3.17
C ALA F 49 -19.44 -7.84 -4.40
N LYS F 50 -20.10 -8.35 -5.45
CA LYS F 50 -19.45 -8.73 -6.70
C LYS F 50 -18.44 -7.70 -7.19
N GLU F 51 -18.84 -6.43 -7.25
CA GLU F 51 -17.95 -5.43 -7.82
C GLU F 51 -16.92 -5.00 -6.80
N LEU F 52 -17.30 -5.02 -5.53
CA LEU F 52 -16.36 -4.71 -4.46
C LEU F 52 -15.26 -5.76 -4.38
N LEU F 53 -15.60 -7.02 -4.62
CA LEU F 53 -14.57 -8.05 -4.67
C LEU F 53 -13.67 -7.85 -5.88
N GLN F 54 -14.29 -7.64 -7.04
CA GLN F 54 -13.54 -7.49 -8.29
C GLN F 54 -12.56 -6.32 -8.23
N GLN F 55 -12.99 -5.18 -7.68
CA GLN F 55 -12.13 -3.99 -7.66
C GLN F 55 -11.03 -4.12 -6.63
N ARG F 56 -11.36 -4.65 -5.44
CA ARG F 56 -10.35 -4.80 -4.40
C ARG F 56 -9.29 -5.80 -4.83
N GLU F 57 -9.69 -6.83 -5.57
CA GLU F 57 -8.71 -7.75 -6.15
C GLU F 57 -7.87 -7.05 -7.21
N LEU F 58 -8.49 -6.20 -8.04
CA LEU F 58 -7.73 -5.49 -9.05
C LEU F 58 -6.70 -4.58 -8.40
N ARG F 59 -7.08 -3.92 -7.30
CA ARG F 59 -6.16 -3.04 -6.60
C ARG F 59 -4.93 -3.78 -6.14
N ARG F 60 -5.10 -5.04 -5.75
CA ARG F 60 -3.94 -5.84 -5.37
C ARG F 60 -3.05 -6.10 -6.57
N LYS F 61 -3.62 -6.51 -7.70
CA LYS F 61 -2.79 -6.80 -8.86
C LYS F 61 -2.02 -5.56 -9.30
N LEU F 62 -2.67 -4.38 -9.19
CA LEU F 62 -2.03 -3.12 -9.57
C LEU F 62 -0.90 -2.74 -8.62
N LEU F 63 -1.07 -2.97 -7.31
CA LEU F 63 -0.02 -2.61 -6.37
C LEU F 63 1.22 -3.48 -6.52
N ALA F 64 1.08 -4.66 -7.11
CA ALA F 64 2.19 -5.57 -7.25
C ALA F 64 2.87 -5.43 -8.59
N ASP F 65 2.14 -4.88 -9.57
CA ASP F 65 2.75 -4.49 -10.84
C ASP F 65 3.76 -3.37 -10.67
N SER F 66 3.68 -2.59 -9.58
CA SER F 66 4.63 -1.50 -9.41
C SER F 66 6.00 -1.97 -9.00
N VAL F 67 6.20 -3.26 -8.83
CA VAL F 67 7.42 -3.80 -8.23
C VAL F 67 8.37 -4.20 -9.33
N ASP F 68 9.65 -3.86 -9.15
CA ASP F 68 10.65 -4.10 -10.20
C ASP F 68 11.37 -5.44 -9.99
N GLY G 17 5.14 4.53 -18.39
CA GLY G 17 5.55 4.38 -17.01
C GLY G 17 4.58 4.84 -15.94
N LEU G 18 4.15 6.09 -16.08
CA LEU G 18 3.19 6.71 -15.16
C LEU G 18 1.74 6.31 -15.44
N HIS G 19 1.49 5.48 -16.45
CA HIS G 19 0.12 5.16 -16.85
C HIS G 19 -0.52 4.18 -15.88
N LEU G 20 0.27 3.56 -15.02
CA LEU G 20 -0.28 2.60 -14.07
C LEU G 20 -0.66 3.21 -12.73
N GLU G 21 0.07 4.23 -12.25
CA GLU G 21 -0.33 4.89 -11.02
C GLU G 21 -1.68 5.58 -11.18
N GLN G 22 -2.05 5.93 -12.40
CA GLN G 22 -3.34 6.57 -12.55
C GLN G 22 -4.46 5.58 -12.82
N GLN G 23 -4.17 4.34 -13.19
CA GLN G 23 -5.26 3.37 -13.14
C GLN G 23 -5.39 2.76 -11.76
N LEU G 24 -4.36 2.89 -10.93
CA LEU G 24 -4.55 2.57 -9.52
C LEU G 24 -5.49 3.58 -8.89
N TYR G 25 -5.30 4.86 -9.19
CA TYR G 25 -6.21 5.88 -8.68
C TYR G 25 -7.63 5.61 -9.13
N SER G 26 -7.81 5.20 -10.40
CA SER G 26 -9.13 4.87 -10.90
C SER G 26 -9.78 3.76 -10.08
N VAL G 27 -9.03 2.72 -9.73
CA VAL G 27 -9.62 1.61 -9.01
C VAL G 27 -9.94 2.02 -7.58
N GLU G 29 -10.78 5.05 -6.64
CA GLU G 29 -11.98 5.86 -6.65
C GLU G 29 -13.24 5.03 -6.88
N ASP G 30 -13.15 3.95 -7.67
CA ASP G 30 -14.32 3.08 -7.86
C ASP G 30 -14.71 2.39 -6.56
N ILE G 31 -13.73 1.90 -5.81
CA ILE G 31 -14.03 1.33 -4.49
C ILE G 31 -14.75 2.36 -3.62
N CYS G 32 -14.23 3.58 -3.59
CA CYS G 32 -14.88 4.66 -2.85
C CYS G 32 -16.29 4.89 -3.34
N LYS G 33 -16.50 4.87 -4.67
CA LYS G 33 -17.84 5.03 -5.19
C LYS G 33 -18.76 3.90 -4.72
N LEU G 34 -18.25 2.65 -4.72
CA LEU G 34 -19.04 1.53 -4.24
C LEU G 34 -19.37 1.67 -2.77
N VAL G 35 -18.38 2.09 -1.96
CA VAL G 35 -18.62 2.23 -0.53
C VAL G 35 -19.64 3.33 -0.27
N ASP G 36 -19.54 4.44 -1.01
CA ASP G 36 -20.40 5.58 -0.77
C ASP G 36 -21.89 5.25 -0.94
N ALA G 37 -22.23 4.21 -1.70
CA ALA G 37 -23.62 3.87 -1.96
C ALA G 37 -24.12 2.65 -1.18
N ILE G 38 -23.30 2.04 -0.35
CA ILE G 38 -23.82 0.97 0.50
C ILE G 38 -24.83 1.63 1.42
N PRO G 39 -26.08 1.18 1.43
CA PRO G 39 -27.05 1.74 2.38
C PRO G 39 -26.63 1.42 3.80
N LEU G 40 -27.05 2.29 4.73
CA LEU G 40 -26.63 2.13 6.11
C LEU G 40 -27.10 0.79 6.68
N HIS G 41 -28.28 0.33 6.29
CA HIS G 41 -28.77 -0.93 6.84
C HIS G 41 -27.87 -2.09 6.41
N GLU G 42 -27.37 -2.05 5.17
CA GLU G 42 -26.45 -3.09 4.71
C GLU G 42 -25.09 -2.95 5.37
N LEU G 43 -24.70 -1.72 5.71
CA LEU G 43 -23.37 -1.49 6.26
C LEU G 43 -23.19 -2.14 7.63
N THR G 44 -24.28 -2.24 8.39
CA THR G 44 -24.16 -2.71 9.77
C THR G 44 -23.69 -4.15 9.88
N SER G 45 -23.84 -4.94 8.82
CA SER G 45 -23.39 -6.33 8.87
C SER G 45 -21.88 -6.47 8.62
N ILE G 46 -21.18 -5.35 8.46
CA ILE G 46 -19.73 -5.28 8.30
C ILE G 46 -19.14 -4.81 9.62
N SER G 47 -18.08 -5.47 10.08
CA SER G 47 -17.52 -5.16 11.40
C SER G 47 -16.94 -3.76 11.46
N CYS G 48 -16.28 -3.32 10.39
CA CYS G 48 -15.61 -2.03 10.39
C CYS G 48 -16.53 -0.92 9.92
N ALA G 49 -17.83 -1.15 10.04
CA ALA G 49 -18.82 -0.20 9.56
C ALA G 49 -18.60 1.20 10.14
N LYS G 50 -18.35 1.29 11.45
CA LYS G 50 -18.12 2.59 12.08
C LYS G 50 -17.08 3.40 11.30
N GLU G 51 -16.01 2.74 10.88
CA GLU G 51 -14.89 3.44 10.26
C GLU G 51 -15.21 3.76 8.82
N LEU G 52 -15.87 2.82 8.14
CA LEU G 52 -16.27 3.03 6.76
C LEU G 52 -17.19 4.23 6.64
N LEU G 53 -18.13 4.36 7.58
CA LEU G 53 -19.05 5.48 7.58
C LEU G 53 -18.31 6.77 7.85
N GLN G 54 -17.50 6.79 8.91
CA GLN G 54 -16.74 7.98 9.23
C GLN G 54 -15.75 8.33 8.12
N GLN G 55 -15.09 7.34 7.53
CA GLN G 55 -14.18 7.62 6.42
C GLN G 55 -14.94 8.08 5.18
N ARG G 56 -16.09 7.45 4.87
CA ARG G 56 -16.76 7.81 3.63
C ARG G 56 -17.34 9.21 3.71
N GLU G 57 -17.76 9.62 4.91
CA GLU G 57 -18.21 10.98 5.13
C GLU G 57 -17.04 11.96 5.08
N LEU G 58 -15.86 11.55 5.54
CA LEU G 58 -14.73 12.45 5.47
C LEU G 58 -14.35 12.74 4.03
N ARG G 59 -14.36 11.71 3.19
CA ARG G 59 -14.04 11.90 1.78
C ARG G 59 -15.01 12.85 1.11
N ARG G 60 -16.29 12.79 1.49
CA ARG G 60 -17.25 13.72 0.92
C ARG G 60 -16.92 15.15 1.32
N LYS G 61 -16.57 15.35 2.60
CA LYS G 61 -16.24 16.70 3.05
C LYS G 61 -15.05 17.25 2.30
N LEU G 62 -14.06 16.39 2.01
CA LEU G 62 -12.86 16.84 1.32
C LEU G 62 -13.14 17.11 -0.15
N LEU G 63 -14.00 16.31 -0.79
CA LEU G 63 -14.32 16.58 -2.19
C LEU G 63 -15.03 17.92 -2.36
N ALA G 64 -15.58 18.47 -1.29
CA ALA G 64 -16.28 19.75 -1.36
C ALA G 64 -15.39 20.91 -0.97
N ASP G 65 -14.41 20.68 -0.10
CA ASP G 65 -13.38 21.68 0.19
C ASP G 65 -12.53 22.04 -1.03
N SER G 66 -12.48 21.16 -2.03
CA SER G 66 -11.77 21.51 -3.26
C SER G 66 -12.53 22.46 -4.18
N VAL G 67 -13.80 22.79 -3.89
CA VAL G 67 -14.58 23.67 -4.75
C VAL G 67 -14.37 25.12 -4.33
N ASP G 68 -14.19 25.99 -5.32
CA ASP G 68 -14.01 27.44 -5.05
C ASP G 68 -15.35 28.19 -4.92
N HIS H 19 -15.95 22.86 -26.19
CA HIS H 19 -15.25 23.20 -24.96
C HIS H 19 -16.23 23.64 -23.87
N LEU H 20 -17.19 24.49 -24.23
CA LEU H 20 -17.93 25.22 -23.19
C LEU H 20 -18.80 24.30 -22.35
N GLU H 21 -19.28 23.19 -22.89
CA GLU H 21 -19.99 22.28 -22.00
C GLU H 21 -19.03 21.59 -21.03
N GLN H 22 -17.77 21.40 -21.41
CA GLN H 22 -16.93 20.48 -20.64
C GLN H 22 -16.46 21.10 -19.34
N GLN H 23 -16.34 22.43 -19.26
CA GLN H 23 -16.19 23.10 -17.96
C GLN H 23 -17.51 23.51 -17.33
N LEU H 24 -18.64 23.27 -18.01
CA LEU H 24 -19.92 23.35 -17.29
C LEU H 24 -20.14 22.08 -16.49
N TYR H 25 -19.70 20.95 -17.04
CA TYR H 25 -19.76 19.69 -16.29
C TYR H 25 -19.02 19.84 -14.96
N SER H 26 -17.89 20.54 -14.97
CA SER H 26 -17.17 20.77 -13.73
C SER H 26 -18.04 21.51 -12.73
N VAL H 27 -18.76 22.53 -13.19
CA VAL H 27 -19.61 23.32 -12.30
C VAL H 27 -20.72 22.46 -11.71
N GLU H 29 -20.59 19.22 -11.47
CA GLU H 29 -19.92 18.34 -10.53
C GLU H 29 -19.60 19.07 -9.24
N ASP H 30 -19.15 20.32 -9.33
CA ASP H 30 -18.79 21.07 -8.12
C ASP H 30 -20.01 21.33 -7.27
N ILE H 31 -21.13 21.73 -7.89
CA ILE H 31 -22.36 21.96 -7.14
C ILE H 31 -22.84 20.65 -6.51
N CYS H 32 -22.82 19.57 -7.29
CA CYS H 32 -23.21 18.27 -6.72
C CYS H 32 -22.25 17.84 -5.61
N LYS H 33 -20.94 18.11 -5.76
CA LYS H 33 -20.00 17.78 -4.70
C LYS H 33 -20.32 18.57 -3.44
N LEU H 34 -20.63 19.85 -3.59
CA LEU H 34 -21.00 20.67 -2.44
C LEU H 34 -22.24 20.10 -1.74
N VAL H 35 -23.27 19.77 -2.53
CA VAL H 35 -24.51 19.27 -1.93
C VAL H 35 -24.32 17.94 -1.22
N ASP H 36 -23.41 17.08 -1.70
CA ASP H 36 -23.19 15.77 -1.11
C ASP H 36 -22.69 15.85 0.33
N ALA H 37 -22.08 16.97 0.73
CA ALA H 37 -21.40 17.06 2.02
C ALA H 37 -22.12 17.93 3.04
N ILE H 38 -23.28 18.49 2.70
CA ILE H 38 -24.09 19.30 3.60
C ILE H 38 -24.57 18.40 4.73
N PRO H 39 -24.33 18.79 5.98
CA PRO H 39 -24.82 17.99 7.11
C PRO H 39 -26.34 18.00 7.14
N LEU H 40 -26.92 16.95 7.73
CA LEU H 40 -28.37 16.82 7.78
C LEU H 40 -29.01 17.93 8.62
N HIS H 41 -28.39 18.29 9.74
CA HIS H 41 -28.97 19.30 10.62
C HIS H 41 -29.03 20.66 9.94
N GLU H 42 -28.13 20.92 8.99
CA GLU H 42 -28.16 22.18 8.24
C GLU H 42 -29.31 22.21 7.25
N LEU H 43 -29.76 21.04 6.79
CA LEU H 43 -30.85 20.97 5.85
C LEU H 43 -32.22 21.13 6.50
N THR H 44 -32.28 21.11 7.83
CA THR H 44 -33.55 21.17 8.56
C THR H 44 -34.37 22.40 8.18
N SER H 45 -33.71 23.52 7.96
CA SER H 45 -34.34 24.78 7.63
C SER H 45 -34.57 24.97 6.13
N ILE H 46 -34.29 23.97 5.30
CA ILE H 46 -34.38 24.14 3.85
C ILE H 46 -35.69 23.54 3.39
N SER H 47 -36.50 24.38 2.73
CA SER H 47 -37.78 23.94 2.17
C SER H 47 -37.56 22.93 1.06
N CYS H 48 -36.45 23.08 0.35
CA CYS H 48 -36.11 22.25 -0.80
C CYS H 48 -35.60 20.88 -0.39
N ALA H 49 -35.56 20.58 0.90
CA ALA H 49 -34.96 19.34 1.32
C ALA H 49 -35.94 18.20 1.07
N LYS H 50 -35.43 16.98 1.17
CA LYS H 50 -36.18 15.73 1.04
C LYS H 50 -36.54 15.48 -0.42
N GLU H 51 -36.24 16.42 -1.30
CA GLU H 51 -36.00 16.12 -2.70
C GLU H 51 -34.52 16.23 -3.01
N LEU H 52 -33.88 17.21 -2.40
CA LEU H 52 -32.45 17.34 -2.49
C LEU H 52 -31.75 16.11 -1.91
N LEU H 53 -32.26 15.61 -0.78
CA LEU H 53 -31.73 14.37 -0.21
C LEU H 53 -31.94 13.20 -1.17
N GLN H 54 -33.11 13.14 -1.82
CA GLN H 54 -33.37 12.02 -2.73
C GLN H 54 -32.39 11.99 -3.90
N GLN H 55 -32.17 13.14 -4.54
CA GLN H 55 -31.34 13.17 -5.74
C GLN H 55 -29.86 12.94 -5.40
N ARG H 56 -29.39 13.46 -4.27
CA ARG H 56 -27.98 13.23 -3.95
C ARG H 56 -27.73 11.77 -3.65
N GLU H 57 -28.70 11.11 -3.00
CA GLU H 57 -28.55 9.68 -2.76
C GLU H 57 -28.69 8.92 -4.07
N LEU H 58 -29.56 9.38 -4.95
CA LEU H 58 -29.64 8.75 -6.27
C LEU H 58 -28.35 8.93 -7.06
N ARG H 59 -27.80 10.15 -7.05
CA ARG H 59 -26.53 10.39 -7.74
C ARG H 59 -25.44 9.45 -7.24
N ARG H 60 -25.42 9.17 -5.93
CA ARG H 60 -24.45 8.22 -5.40
C ARG H 60 -24.71 6.81 -5.93
N LYS H 61 -25.96 6.37 -5.94
CA LYS H 61 -26.22 5.02 -6.44
C LYS H 61 -25.86 4.90 -7.91
N LEU H 62 -26.02 5.97 -8.70
CA LEU H 62 -25.67 5.90 -10.13
C LEU H 62 -24.17 5.95 -10.34
N LEU H 63 -23.44 6.80 -9.60
CA LEU H 63 -22.00 6.81 -9.78
C LEU H 63 -21.39 5.47 -9.42
N ALA H 64 -22.09 4.66 -8.63
CA ALA H 64 -21.56 3.37 -8.22
C ALA H 64 -21.97 2.25 -9.18
N ASP H 65 -23.16 2.38 -9.79
CA ASP H 65 -23.58 1.48 -10.87
C ASP H 65 -22.66 1.52 -12.09
N SER H 66 -21.78 2.51 -12.22
CA SER H 66 -20.81 2.60 -13.30
C SER H 66 -19.56 1.74 -13.10
N VAL H 67 -19.44 1.00 -12.02
CA VAL H 67 -18.22 0.24 -11.77
C VAL H 67 -18.43 -1.18 -12.24
N ASP H 68 -17.38 -1.80 -12.80
CA ASP H 68 -17.47 -3.16 -13.35
C ASP H 68 -17.13 -4.29 -12.34
N GLY I 17 -24.32 0.38 -23.85
CA GLY I 17 -25.04 0.07 -22.62
C GLY I 17 -24.88 1.15 -21.56
N LEU I 18 -24.70 2.39 -22.01
CA LEU I 18 -24.42 3.53 -21.14
C LEU I 18 -25.65 4.41 -20.90
N HIS I 19 -26.86 3.85 -20.76
CA HIS I 19 -28.01 4.70 -20.48
C HIS I 19 -28.04 5.21 -19.03
N LEU I 20 -26.93 5.10 -18.29
CA LEU I 20 -26.80 5.76 -17.00
C LEU I 20 -26.51 7.25 -17.14
N GLU I 21 -25.57 7.60 -18.02
CA GLU I 21 -25.08 8.98 -18.09
C GLU I 21 -26.19 9.96 -18.46
N GLN I 22 -27.17 9.52 -19.26
CA GLN I 22 -28.33 10.34 -19.52
C GLN I 22 -29.30 10.33 -18.35
N GLN I 23 -29.08 9.43 -17.40
CA GLN I 23 -29.78 9.43 -16.12
C GLN I 23 -28.97 10.09 -15.03
N LEU I 24 -27.65 10.01 -15.09
CA LEU I 24 -26.81 10.73 -14.14
C LEU I 24 -26.78 12.21 -14.45
N TYR I 25 -26.67 12.56 -15.73
CA TYR I 25 -26.78 13.97 -16.10
C TYR I 25 -28.13 14.51 -15.68
N SER I 26 -29.17 13.67 -15.76
CA SER I 26 -30.50 14.07 -15.32
C SER I 26 -30.50 14.46 -13.84
N VAL I 27 -29.91 13.61 -12.99
CA VAL I 27 -29.87 13.88 -11.56
C VAL I 27 -28.95 15.05 -11.25
N GLU I 29 -28.52 17.58 -13.31
CA GLU I 29 -29.27 18.76 -13.70
C GLU I 29 -30.38 19.09 -12.69
N ASP I 30 -31.07 18.07 -12.18
CA ASP I 30 -32.12 18.34 -11.20
C ASP I 30 -31.54 18.90 -9.91
N ILE I 31 -30.41 18.35 -9.46
CA ILE I 31 -29.78 18.85 -8.24
C ILE I 31 -29.42 20.32 -8.41
N CYS I 32 -28.86 20.68 -9.57
CA CYS I 32 -28.51 22.07 -9.81
C CYS I 32 -29.75 22.96 -9.83
N LYS I 33 -30.83 22.48 -10.44
CA LYS I 33 -32.04 23.30 -10.53
C LYS I 33 -32.64 23.54 -9.16
N LEU I 34 -32.63 22.53 -8.28
CA LEU I 34 -33.08 22.73 -6.90
C LEU I 34 -32.21 23.77 -6.19
N VAL I 35 -30.89 23.66 -6.33
CA VAL I 35 -30.01 24.53 -5.57
C VAL I 35 -30.19 25.97 -6.03
N ASP I 36 -30.35 26.14 -7.34
CA ASP I 36 -30.49 27.44 -7.94
C ASP I 36 -31.75 28.16 -7.48
N ALA I 37 -32.74 27.44 -6.94
CA ALA I 37 -33.99 28.03 -6.51
C ALA I 37 -34.13 28.11 -4.99
N ILE I 38 -33.08 27.79 -4.24
CA ILE I 38 -33.10 28.01 -2.78
C ILE I 38 -33.08 29.51 -2.53
N PRO I 39 -34.05 30.07 -1.81
CA PRO I 39 -34.01 31.51 -1.54
C PRO I 39 -32.83 31.85 -0.65
N LEU I 40 -32.29 33.05 -0.86
CA LEU I 40 -31.07 33.44 -0.17
C LEU I 40 -31.20 33.37 1.36
N HIS I 41 -32.37 33.72 1.91
CA HIS I 41 -32.53 33.63 3.36
C HIS I 41 -32.34 32.20 3.87
N GLU I 42 -32.75 31.19 3.07
CA GLU I 42 -32.55 29.81 3.50
C GLU I 42 -31.11 29.41 3.39
N LEU I 43 -30.39 29.99 2.41
CA LEU I 43 -29.03 29.54 2.16
C LEU I 43 -28.10 29.86 3.33
N THR I 44 -28.44 30.87 4.13
CA THR I 44 -27.58 31.31 5.23
C THR I 44 -27.37 30.22 6.28
N SER I 45 -28.30 29.29 6.39
CA SER I 45 -28.13 28.20 7.35
C SER I 45 -27.18 27.12 6.85
N ILE I 46 -26.62 27.28 5.65
CA ILE I 46 -25.73 26.29 5.06
C ILE I 46 -24.31 26.85 5.06
N SER I 47 -23.38 26.06 5.61
CA SER I 47 -22.01 26.51 5.79
C SER I 47 -21.30 26.74 4.46
N CYS I 48 -21.64 25.97 3.43
CA CYS I 48 -21.03 26.21 2.13
C CYS I 48 -21.86 27.17 1.26
N ALA I 49 -22.68 28.02 1.88
CA ALA I 49 -23.54 28.93 1.12
C ALA I 49 -22.74 29.80 0.18
N LYS I 50 -21.67 30.42 0.68
CA LYS I 50 -20.83 31.25 -0.18
C LYS I 50 -20.43 30.50 -1.45
N GLU I 51 -19.95 29.28 -1.29
CA GLU I 51 -19.44 28.56 -2.44
C GLU I 51 -20.60 28.07 -3.29
N LEU I 52 -21.66 27.62 -2.64
CA LEU I 52 -22.87 27.19 -3.32
C LEU I 52 -23.42 28.32 -4.17
N LEU I 53 -23.34 29.54 -3.65
CA LEU I 53 -23.77 30.70 -4.42
C LEU I 53 -22.82 30.98 -5.58
N GLN I 54 -21.51 30.99 -5.30
CA GLN I 54 -20.54 31.22 -6.36
C GLN I 54 -20.68 30.21 -7.49
N GLN I 55 -20.91 28.93 -7.16
CA GLN I 55 -21.06 27.94 -8.20
C GLN I 55 -22.39 28.06 -8.92
N ARG I 56 -23.49 28.28 -8.19
CA ARG I 56 -24.79 28.32 -8.84
C ARG I 56 -24.93 29.52 -9.77
N GLU I 57 -24.26 30.62 -9.44
CA GLU I 57 -24.24 31.76 -10.31
C GLU I 57 -23.29 31.56 -11.47
N LEU I 58 -22.17 30.87 -11.26
CA LEU I 58 -21.36 30.52 -12.42
C LEU I 58 -22.20 29.75 -13.40
N ARG I 59 -23.16 28.96 -12.91
CA ARG I 59 -23.94 28.10 -13.78
C ARG I 59 -24.81 28.91 -14.72
N ARG I 60 -25.56 29.88 -14.19
CA ARG I 60 -26.35 30.73 -15.06
C ARG I 60 -25.46 31.46 -16.04
N LYS I 61 -24.37 32.05 -15.55
CA LYS I 61 -23.55 32.89 -16.41
C LYS I 61 -22.97 32.10 -17.58
N LEU I 62 -22.68 30.83 -17.38
CA LEU I 62 -22.16 30.03 -18.49
C LEU I 62 -23.24 29.43 -19.38
N LEU I 63 -24.44 29.19 -18.86
CA LEU I 63 -25.57 28.90 -19.75
C LEU I 63 -25.91 30.22 -20.44
N ALA I 64 -25.09 30.55 -21.46
CA ALA I 64 -25.11 31.83 -22.14
C ALA I 64 -24.05 31.83 -23.22
N VAL J 27 -34.05 27.48 -29.51
CA VAL J 27 -35.25 28.27 -29.25
C VAL J 27 -34.90 29.75 -29.17
N GLU J 29 -34.82 31.37 -26.04
CA GLU J 29 -34.32 31.55 -24.68
C GLU J 29 -32.86 31.13 -24.47
N ASP J 30 -32.11 30.85 -25.54
CA ASP J 30 -30.67 31.04 -25.44
C ASP J 30 -30.33 32.52 -25.29
N ILE J 31 -31.27 33.40 -25.63
CA ILE J 31 -31.18 34.80 -25.22
C ILE J 31 -31.29 34.92 -23.70
N CYS J 32 -32.41 34.45 -23.13
CA CYS J 32 -32.62 34.51 -21.67
C CYS J 32 -31.57 33.74 -20.90
N LYS J 33 -30.79 32.89 -21.57
CA LYS J 33 -29.59 32.32 -20.99
C LYS J 33 -28.58 33.42 -20.68
N LEU J 34 -28.51 34.44 -21.55
CA LEU J 34 -27.67 35.62 -21.36
C LEU J 34 -28.30 36.68 -20.45
N VAL J 35 -29.59 36.58 -20.13
CA VAL J 35 -30.22 37.56 -19.24
C VAL J 35 -30.10 37.14 -17.77
N ASP J 36 -30.04 35.84 -17.47
CA ASP J 36 -29.72 35.39 -16.13
C ASP J 36 -28.23 35.53 -15.82
N ALA J 37 -27.48 36.19 -16.70
CA ALA J 37 -26.04 36.35 -16.55
C ALA J 37 -25.59 37.79 -16.36
N ILE J 38 -26.45 38.78 -16.58
CA ILE J 38 -26.11 40.18 -16.34
C ILE J 38 -25.83 40.35 -14.86
N PRO J 39 -24.65 40.85 -14.47
CA PRO J 39 -24.36 41.01 -13.04
C PRO J 39 -25.30 42.00 -12.38
N LEU J 40 -25.41 41.91 -11.04
CA LEU J 40 -26.26 42.82 -10.28
C LEU J 40 -25.72 44.25 -10.27
N HIS J 41 -24.40 44.44 -10.47
CA HIS J 41 -23.85 45.79 -10.58
C HIS J 41 -24.22 46.42 -11.92
N GLU J 42 -24.14 45.64 -13.02
CA GLU J 42 -24.43 46.12 -14.36
C GLU J 42 -25.92 46.17 -14.68
N LEU J 43 -26.79 45.67 -13.80
CA LEU J 43 -28.22 45.60 -14.05
C LEU J 43 -28.97 46.87 -13.65
N THR J 44 -28.33 47.82 -12.97
CA THR J 44 -28.98 49.07 -12.58
C THR J 44 -29.01 50.10 -13.71
N SER J 45 -28.35 49.86 -14.84
CA SER J 45 -28.30 50.82 -15.95
C SER J 45 -29.51 50.74 -16.88
N ILE J 46 -30.43 49.81 -16.67
CA ILE J 46 -31.64 49.67 -17.48
C ILE J 46 -32.85 49.88 -16.59
N SER J 47 -33.84 50.62 -17.09
CA SER J 47 -34.97 51.04 -16.28
C SER J 47 -36.09 50.00 -16.17
N CYS J 48 -36.06 48.95 -17.00
CA CYS J 48 -37.08 47.91 -16.97
C CYS J 48 -36.78 46.82 -15.96
N ALA J 49 -35.73 46.99 -15.15
CA ALA J 49 -35.20 45.89 -14.33
C ALA J 49 -36.01 45.63 -13.07
N LYS J 50 -36.77 46.62 -12.57
CA LYS J 50 -37.58 46.41 -11.38
C LYS J 50 -38.48 45.20 -11.54
N GLU J 51 -39.14 45.08 -12.70
CA GLU J 51 -40.03 43.96 -12.96
C GLU J 51 -39.39 42.87 -13.83
N LEU J 52 -38.57 43.24 -14.81
CA LEU J 52 -37.91 42.20 -15.60
C LEU J 52 -36.56 41.81 -15.03
N LEU J 53 -36.58 41.48 -13.73
CA LEU J 53 -35.62 40.59 -13.09
C LEU J 53 -36.31 39.60 -12.19
N GLN J 54 -37.58 39.83 -11.84
CA GLN J 54 -38.46 38.81 -11.29
C GLN J 54 -38.87 37.79 -12.34
N GLN J 55 -38.68 38.10 -13.62
CA GLN J 55 -38.80 37.07 -14.64
C GLN J 55 -37.59 36.15 -14.64
N ARG J 56 -36.44 36.64 -14.16
CA ARG J 56 -35.28 35.76 -14.00
C ARG J 56 -35.44 34.82 -12.81
N GLU J 57 -35.82 35.36 -11.65
CA GLU J 57 -35.96 34.55 -10.44
C GLU J 57 -37.21 33.69 -10.42
N LEU J 58 -38.11 33.84 -11.40
CA LEU J 58 -39.28 32.97 -11.52
C LEU J 58 -39.10 31.89 -12.59
N ARG J 59 -38.36 32.18 -13.66
CA ARG J 59 -38.02 31.15 -14.66
C ARG J 59 -37.05 30.12 -14.12
N ARG J 60 -36.54 30.32 -12.90
CA ARG J 60 -35.59 29.44 -12.23
C ARG J 60 -36.24 28.54 -11.18
N LYS J 61 -37.32 28.98 -10.54
CA LYS J 61 -38.12 28.11 -9.69
C LYS J 61 -38.99 27.17 -10.50
N LEU J 62 -39.38 27.57 -11.72
CA LEU J 62 -40.19 26.74 -12.59
C LEU J 62 -39.35 25.70 -13.33
N LEU J 63 -38.12 26.07 -13.70
CA LEU J 63 -37.21 25.07 -14.27
C LEU J 63 -36.87 24.00 -13.24
N ALA J 64 -36.85 24.38 -11.95
CA ALA J 64 -36.45 23.52 -10.83
C ALA J 64 -37.52 22.56 -10.36
N ASP J 65 -38.71 22.59 -10.97
CA ASP J 65 -39.82 21.75 -10.58
C ASP J 65 -39.90 20.46 -11.41
N SER J 66 -38.76 19.97 -11.89
CA SER J 66 -38.68 18.67 -12.55
C SER J 66 -39.00 17.53 -11.57
N LEU K 18 -47.77 19.08 -40.89
CA LEU K 18 -47.58 20.51 -40.64
C LEU K 18 -46.14 20.83 -40.27
N HIS K 19 -45.22 20.57 -41.19
CA HIS K 19 -43.80 20.84 -40.96
C HIS K 19 -43.46 22.31 -41.07
N LEU K 20 -44.44 23.18 -41.33
CA LEU K 20 -44.21 24.62 -41.40
C LEU K 20 -44.29 25.29 -40.04
N GLU K 21 -45.03 24.74 -39.08
CA GLU K 21 -45.08 25.35 -37.75
C GLU K 21 -43.77 25.11 -37.00
N GLN K 22 -43.21 23.90 -37.11
CA GLN K 22 -41.91 23.62 -36.49
C GLN K 22 -40.79 24.42 -37.14
N GLN K 23 -40.93 24.76 -38.42
CA GLN K 23 -39.93 25.55 -39.12
C GLN K 23 -39.95 27.01 -38.72
N LEU K 24 -41.10 27.53 -38.31
CA LEU K 24 -41.21 28.87 -37.77
C LEU K 24 -40.96 28.92 -36.26
N TYR K 25 -40.91 27.77 -35.58
CA TYR K 25 -40.63 27.75 -34.14
C TYR K 25 -39.15 28.02 -33.85
N SER K 26 -38.26 27.71 -34.79
CA SER K 26 -36.82 27.91 -34.60
C SER K 26 -36.16 28.76 -35.69
N VAL K 27 -36.92 29.38 -36.59
CA VAL K 27 -36.36 30.32 -37.56
C VAL K 27 -36.54 31.78 -37.15
N GLU K 29 -36.50 32.29 -33.92
CA GLU K 29 -35.68 32.15 -32.72
C GLU K 29 -34.21 32.49 -32.97
N ASP K 30 -33.79 32.54 -34.25
CA ASP K 30 -32.49 33.07 -34.65
C ASP K 30 -32.51 34.59 -34.72
N ILE K 31 -33.68 35.19 -34.96
CA ILE K 31 -33.77 36.65 -34.91
C ILE K 31 -33.67 37.14 -33.47
N CYS K 32 -34.21 36.37 -32.52
CA CYS K 32 -34.18 36.76 -31.11
C CYS K 32 -32.77 36.69 -30.53
N LYS K 33 -32.13 35.52 -30.60
CA LYS K 33 -30.76 35.39 -30.12
C LYS K 33 -29.87 36.45 -30.74
N LEU K 34 -30.17 36.85 -31.99
CA LEU K 34 -29.44 37.95 -32.62
C LEU K 34 -29.65 39.23 -31.85
N VAL K 35 -30.90 39.48 -31.43
CA VAL K 35 -31.20 40.63 -30.59
C VAL K 35 -30.42 40.59 -29.28
N ASP K 36 -30.01 39.39 -28.84
CA ASP K 36 -29.31 39.27 -27.56
C ASP K 36 -27.87 39.79 -27.61
N ALA K 37 -27.24 39.85 -28.79
CA ALA K 37 -25.79 40.12 -28.90
C ALA K 37 -25.44 41.60 -28.76
N ILE K 38 -25.75 42.17 -27.59
CA ILE K 38 -25.08 43.37 -27.08
C ILE K 38 -24.91 43.22 -25.57
N PRO K 39 -24.41 42.08 -25.06
CA PRO K 39 -24.46 41.78 -23.62
C PRO K 39 -23.11 41.94 -22.91
#